data_1ZD4
#
_entry.id   1ZD4
#
_cell.length_a   92.970
_cell.length_b   92.970
_cell.length_c   246.120
_cell.angle_alpha   90.00
_cell.angle_beta   90.00
_cell.angle_gamma   120.00
#
_symmetry.space_group_name_H-M   'P 65 2 2'
#
loop_
_entity.id
_entity.type
_entity.pdbx_description
1 polymer 'epoxide hydrolase 2, cytoplasmic'
2 non-polymer 'MAGNESIUM ION'
3 non-polymer 'PHOSPHATE ION'
4 non-polymer '6-{[(CYCLOHEXYLAMINO)CARBONYL]AMINO}HEXANOIC ACID'
5 water water
#
_entity_poly.entity_id   1
_entity_poly.type   'polypeptide(L)'
_entity_poly.pdbx_seq_one_letter_code
;MTLRAAVFDLDGVLALPAVFGVLGRTEEALALPRGLLNDAFQKGGPEGATTRLMKGEITLSQWIPLMEENCRKCSETAKV
CLPKNFSIKEIFDKAISARKINRPMLQAALMLRKKGFTTAILTNTWLDDRAERDGLAQLMCELKMHFDFLIESCQVGMVK
PEPQIYKFLLDTLKASPSEVVFLDDIGANLKPARDLGMVTILVQDTDTALKELEKVTGIQLLNTPAPLPTSCNPSDMSHG
YVTVKPRVRLHFVELGSGPAVCLCHGFPESWYSWRYQIPALAQAGYRVLAMDMKGYGESSAPPEIEEYCMEVLCKEMVTF
LDKLGLSQAVFIGHDWGGMLVWYMALFYPERVRAVASLNTPFIPANPNMSPLESIKANPVFDYQLYFQEPGVAEAELEQN
LSRTFKSLFRASDESVLSMHKVCEAGGLFVNSPEEPSLSRMVTEEEIQFYVQQFKKSGFRGPLNWYRNMERNWKWACKSL
GRKILIPALMVTAEKDFVLVPQMSQHMEDWIPHLKRGHIEDCGHWTQMDKPTEVNQILIKWLDSDARNPPVVSKM
;
_entity_poly.pdbx_strand_id   A
#
loop_
_chem_comp.id
_chem_comp.type
_chem_comp.name
_chem_comp.formula
MG non-polymer 'MAGNESIUM ION' 'Mg 2'
NC6 non-polymer '6-{[(CYCLOHEXYLAMINO)CARBONYL]AMINO}HEXANOIC ACID' 'C13 H24 N2 O3'
PO4 non-polymer 'PHOSPHATE ION' 'O4 P -3'
#
# COMPACT_ATOMS: atom_id res chain seq x y z
N THR A 2 24.18 5.24 -21.60
CA THR A 2 25.10 6.27 -21.05
C THR A 2 24.61 6.82 -19.71
N LEU A 3 23.32 7.17 -19.65
CA LEU A 3 22.73 7.70 -18.43
C LEU A 3 22.51 6.57 -17.43
N ARG A 4 22.52 6.89 -16.15
CA ARG A 4 22.32 5.87 -15.12
C ARG A 4 21.67 6.45 -13.87
N ALA A 5 21.41 7.76 -13.89
CA ALA A 5 20.80 8.42 -12.74
C ALA A 5 19.86 9.55 -13.13
N ALA A 6 18.83 9.74 -12.30
CA ALA A 6 17.85 10.80 -12.52
C ALA A 6 17.59 11.50 -11.21
N VAL A 7 17.74 12.82 -11.21
CA VAL A 7 17.53 13.62 -10.01
C VAL A 7 16.37 14.58 -10.21
N PHE A 8 15.36 14.49 -9.35
CA PHE A 8 14.20 15.35 -9.46
C PHE A 8 14.11 16.36 -8.33
N ASP A 9 13.68 17.56 -8.68
CA ASP A 9 13.51 18.62 -7.69
C ASP A 9 12.14 18.38 -7.07
N LEU A 10 11.96 18.79 -5.82
CA LEU A 10 10.67 18.57 -5.15
C LEU A 10 9.58 19.55 -5.61
N ASP A 11 9.71 20.80 -5.18
CA ASP A 11 8.72 21.82 -5.52
C ASP A 11 8.77 22.17 -7.01
N GLY A 12 7.62 22.03 -7.67
CA GLY A 12 7.56 22.35 -9.09
C GLY A 12 7.76 21.17 -10.02
N VAL A 13 8.45 20.14 -9.52
CA VAL A 13 8.71 18.96 -10.35
C VAL A 13 7.96 17.73 -9.83
N LEU A 14 8.30 17.29 -8.62
CA LEU A 14 7.63 16.12 -8.04
C LEU A 14 6.40 16.53 -7.24
N ALA A 15 6.21 17.83 -7.05
CA ALA A 15 5.08 18.32 -6.30
C ALA A 15 4.57 19.65 -6.84
N LEU A 16 3.24 19.76 -6.92
CA LEU A 16 2.60 20.97 -7.43
C LEU A 16 1.29 21.23 -6.69
N PRO A 17 0.87 22.50 -6.62
CA PRO A 17 1.55 23.67 -7.19
C PRO A 17 2.81 24.04 -6.41
N ALA A 18 3.78 24.64 -7.10
CA ALA A 18 5.04 25.05 -6.46
C ALA A 18 4.78 26.07 -5.37
N VAL A 19 5.28 25.79 -4.17
CA VAL A 19 5.10 26.70 -3.03
C VAL A 19 5.68 28.07 -3.34
N PHE A 20 6.75 28.11 -4.13
CA PHE A 20 7.40 29.36 -4.48
C PHE A 20 6.46 30.21 -5.34
N GLY A 21 5.55 29.55 -6.03
CA GLY A 21 4.61 30.24 -6.90
C GLY A 21 3.50 31.01 -6.21
N VAL A 22 3.28 30.76 -4.92
CA VAL A 22 2.24 31.45 -4.19
C VAL A 22 2.53 32.95 -4.09
N LEU A 23 3.81 33.28 -3.99
CA LEU A 23 4.23 34.67 -3.89
C LEU A 23 3.57 35.54 -4.95
N GLY A 24 3.71 35.13 -6.21
CA GLY A 24 3.13 35.89 -7.30
C GLY A 24 1.62 35.98 -7.24
N ARG A 25 0.97 34.83 -7.02
CA ARG A 25 -0.48 34.77 -6.94
C ARG A 25 -1.03 35.66 -5.83
N THR A 26 -0.39 35.63 -4.67
CA THR A 26 -0.82 36.45 -3.54
C THR A 26 -0.76 37.92 -3.91
N GLU A 27 0.22 38.28 -4.73
CA GLU A 27 0.40 39.65 -5.19
C GLU A 27 -0.78 40.11 -6.02
N GLU A 28 -1.02 39.42 -7.14
CA GLU A 28 -2.11 39.77 -8.04
C GLU A 28 -3.43 39.74 -7.28
N ALA A 29 -3.66 38.68 -6.53
CA ALA A 29 -4.90 38.53 -5.77
C ALA A 29 -5.11 39.76 -4.89
N LEU A 30 -4.03 40.29 -4.33
CA LEU A 30 -4.11 41.47 -3.46
C LEU A 30 -3.80 42.75 -4.20
N ALA A 31 -3.54 42.64 -5.50
CA ALA A 31 -3.21 43.80 -6.32
C ALA A 31 -1.98 44.52 -5.74
N LEU A 32 -0.94 43.75 -5.45
CA LEU A 32 0.30 44.30 -4.90
C LEU A 32 1.33 44.50 -6.00
N PRO A 33 2.30 45.41 -5.78
CA PRO A 33 3.34 45.69 -6.77
C PRO A 33 4.02 44.38 -7.20
N ARG A 34 3.90 44.06 -8.48
CA ARG A 34 4.48 42.83 -9.03
C ARG A 34 5.89 42.55 -8.51
N GLY A 35 5.99 41.56 -7.62
CA GLY A 35 7.28 41.19 -7.06
C GLY A 35 7.46 41.57 -5.61
N LEU A 36 6.63 42.49 -5.13
CA LEU A 36 6.70 42.95 -3.74
C LEU A 36 6.96 41.82 -2.76
N LEU A 37 6.17 40.75 -2.86
CA LEU A 37 6.31 39.60 -1.98
C LEU A 37 7.54 38.76 -2.32
N ASN A 38 7.81 38.60 -3.62
CA ASN A 38 8.95 37.82 -4.06
C ASN A 38 10.25 38.44 -3.57
N ASP A 39 10.35 39.76 -3.65
CA ASP A 39 11.54 40.47 -3.20
C ASP A 39 11.79 40.25 -1.72
N ALA A 40 10.81 40.59 -0.89
CA ALA A 40 10.93 40.42 0.55
C ALA A 40 11.32 38.99 0.89
N PHE A 41 10.96 38.07 0.00
CA PHE A 41 11.26 36.65 0.18
C PHE A 41 12.73 36.34 -0.06
N GLN A 42 13.34 37.03 -1.01
CA GLN A 42 14.75 36.80 -1.34
C GLN A 42 15.63 38.01 -1.03
N LYS A 43 15.23 38.77 -0.02
CA LYS A 43 15.97 39.95 0.39
C LYS A 43 17.19 39.56 1.22
N GLY A 44 18.38 39.79 0.67
CA GLY A 44 19.59 39.45 1.38
C GLY A 44 20.43 38.38 0.69
N GLY A 45 19.95 37.92 -0.46
CA GLY A 45 20.66 36.90 -1.21
C GLY A 45 21.28 35.81 -0.37
N PRO A 46 22.56 35.47 -0.61
CA PRO A 46 23.30 34.44 0.12
C PRO A 46 23.14 34.56 1.64
N GLU A 47 23.48 35.73 2.18
CA GLU A 47 23.35 35.97 3.60
C GLU A 47 21.96 36.50 3.92
N GLY A 48 20.95 35.81 3.42
CA GLY A 48 19.57 36.21 3.67
C GLY A 48 18.84 35.26 4.59
N ALA A 49 17.74 35.74 5.18
CA ALA A 49 16.96 34.93 6.11
C ALA A 49 16.48 33.64 5.45
N THR A 50 15.89 33.75 4.26
CA THR A 50 15.39 32.58 3.55
C THR A 50 16.52 31.61 3.23
N THR A 51 17.72 32.12 3.04
CA THR A 51 18.85 31.24 2.76
C THR A 51 19.21 30.49 4.02
N ARG A 52 19.26 31.20 5.14
CA ARG A 52 19.56 30.58 6.42
C ARG A 52 18.55 29.46 6.63
N LEU A 53 17.29 29.83 6.53
CA LEU A 53 16.18 28.89 6.70
C LEU A 53 16.32 27.68 5.79
N MET A 54 16.96 27.89 4.63
CA MET A 54 17.16 26.83 3.66
C MET A 54 18.35 25.93 3.99
N LYS A 55 19.22 26.41 4.87
CA LYS A 55 20.39 25.65 5.27
C LYS A 55 20.26 25.05 6.66
N GLY A 56 19.05 25.12 7.21
CA GLY A 56 18.82 24.56 8.53
C GLY A 56 19.39 25.40 9.66
N GLU A 57 19.70 26.66 9.37
CA GLU A 57 20.25 27.54 10.40
C GLU A 57 19.16 27.97 11.37
N ILE A 58 17.94 28.08 10.86
CA ILE A 58 16.78 28.47 11.67
C ILE A 58 15.52 27.78 11.16
N THR A 59 14.66 27.38 12.09
CA THR A 59 13.41 26.70 11.74
C THR A 59 12.50 27.64 10.98
N LEU A 60 11.46 27.07 10.35
CA LEU A 60 10.51 27.85 9.59
C LEU A 60 9.73 28.82 10.47
N SER A 61 9.34 28.35 11.66
CA SER A 61 8.58 29.19 12.58
C SER A 61 9.38 30.44 12.97
N GLN A 62 10.70 30.34 12.87
CA GLN A 62 11.56 31.47 13.21
C GLN A 62 11.66 32.38 11.99
N TRP A 63 11.65 31.78 10.81
CA TRP A 63 11.75 32.52 9.56
C TRP A 63 10.55 33.45 9.31
N ILE A 64 9.34 32.92 9.47
CA ILE A 64 8.11 33.69 9.24
C ILE A 64 8.17 35.12 9.77
N PRO A 65 8.59 35.31 11.03
CA PRO A 65 8.67 36.68 11.56
C PRO A 65 9.68 37.53 10.80
N LEU A 66 10.80 36.92 10.43
CA LEU A 66 11.85 37.63 9.69
C LEU A 66 11.39 37.97 8.28
N MET A 67 10.46 37.18 7.76
CA MET A 67 9.92 37.39 6.41
C MET A 67 8.89 38.51 6.44
N GLU A 68 8.12 38.58 7.53
CA GLU A 68 7.09 39.60 7.68
C GLU A 68 7.70 41.00 7.62
N GLU A 69 8.78 41.21 8.37
CA GLU A 69 9.45 42.50 8.42
C GLU A 69 9.95 42.96 7.06
N ASN A 70 10.48 42.03 6.26
CA ASN A 70 10.98 42.37 4.94
C ASN A 70 9.86 42.83 4.01
N CYS A 71 8.62 42.47 4.35
CA CYS A 71 7.47 42.87 3.56
C CYS A 71 7.01 44.23 4.03
N ARG A 72 7.35 44.57 5.27
CA ARG A 72 7.00 45.85 5.86
C ARG A 72 8.00 46.90 5.39
N LYS A 73 9.06 46.45 4.74
CA LYS A 73 10.10 47.34 4.25
C LYS A 73 10.13 47.34 2.72
N CYS A 74 9.76 46.21 2.13
CA CYS A 74 9.72 46.09 0.68
C CYS A 74 8.53 46.89 0.16
N SER A 75 7.48 46.97 0.98
CA SER A 75 6.28 47.72 0.63
C SER A 75 6.51 49.17 1.01
N GLU A 76 7.42 49.40 1.94
CA GLU A 76 7.75 50.75 2.41
C GLU A 76 8.53 51.50 1.32
N THR A 77 9.50 50.82 0.72
CA THR A 77 10.31 51.41 -0.33
C THR A 77 9.53 51.55 -1.63
N ALA A 78 8.58 50.65 -1.84
CA ALA A 78 7.75 50.67 -3.05
C ALA A 78 6.58 51.63 -2.89
N LYS A 79 6.57 52.37 -1.78
CA LYS A 79 5.51 53.32 -1.50
C LYS A 79 4.13 52.67 -1.54
N VAL A 80 4.01 51.52 -0.86
CA VAL A 80 2.75 50.80 -0.81
C VAL A 80 2.57 50.19 0.58
N CYS A 81 1.38 49.72 0.88
CA CYS A 81 1.10 49.11 2.18
C CYS A 81 0.73 47.64 2.07
N LEU A 82 0.03 47.13 3.08
CA LEU A 82 -0.38 45.73 3.09
C LEU A 82 -1.72 45.59 3.80
N PRO A 83 -2.59 44.68 3.32
CA PRO A 83 -3.91 44.46 3.92
C PRO A 83 -3.80 44.20 5.42
N LYS A 84 -4.88 44.46 6.16
CA LYS A 84 -4.87 44.25 7.60
C LYS A 84 -4.94 42.77 7.97
N ASN A 85 -5.43 41.96 7.02
CA ASN A 85 -5.52 40.52 7.25
C ASN A 85 -4.48 39.80 6.39
N PHE A 86 -3.28 40.34 6.37
CA PHE A 86 -2.17 39.77 5.60
C PHE A 86 -1.27 38.98 6.56
N SER A 87 -1.34 37.66 6.44
CA SER A 87 -0.54 36.80 7.31
C SER A 87 0.38 35.89 6.49
N ILE A 88 1.69 36.01 6.73
CA ILE A 88 2.67 35.18 6.03
C ILE A 88 2.43 33.71 6.33
N LYS A 89 2.21 33.39 7.60
CA LYS A 89 1.96 32.00 7.97
C LYS A 89 0.71 31.52 7.25
N GLU A 90 -0.34 32.34 7.31
CA GLU A 90 -1.61 32.02 6.68
C GLU A 90 -1.44 31.76 5.18
N ILE A 91 -0.50 32.47 4.56
CA ILE A 91 -0.25 32.32 3.13
C ILE A 91 0.51 31.05 2.79
N PHE A 92 1.56 30.75 3.55
CA PHE A 92 2.35 29.54 3.28
C PHE A 92 1.61 28.30 3.73
N ASP A 93 0.77 28.42 4.76
CA ASP A 93 0.00 27.28 5.25
C ASP A 93 -0.85 26.74 4.11
N LYS A 94 -1.65 27.61 3.51
CA LYS A 94 -2.51 27.21 2.40
C LYS A 94 -1.65 26.73 1.24
N ALA A 95 -0.61 27.49 0.92
CA ALA A 95 0.28 27.16 -0.17
C ALA A 95 0.90 25.76 -0.05
N ILE A 96 1.40 25.43 1.15
CA ILE A 96 2.02 24.14 1.39
C ILE A 96 1.04 22.97 1.33
N SER A 97 -0.07 23.10 2.05
CA SER A 97 -1.09 22.05 2.07
C SER A 97 -1.75 21.91 0.71
N ALA A 98 -1.62 22.94 -0.11
CA ALA A 98 -2.21 22.94 -1.44
C ALA A 98 -1.30 22.23 -2.44
N ARG A 99 -0.10 21.87 -1.99
CA ARG A 99 0.86 21.20 -2.85
C ARG A 99 0.70 19.68 -2.79
N LYS A 100 0.43 19.08 -3.95
CA LYS A 100 0.26 17.63 -4.07
C LYS A 100 1.34 16.99 -4.94
N ILE A 101 1.48 15.68 -4.83
CA ILE A 101 2.47 14.95 -5.61
C ILE A 101 2.11 14.97 -7.10
N ASN A 102 3.04 15.39 -7.94
CA ASN A 102 2.81 15.42 -9.37
C ASN A 102 2.84 13.97 -9.85
N ARG A 103 1.74 13.27 -9.64
CA ARG A 103 1.64 11.86 -10.02
C ARG A 103 2.34 11.43 -11.30
N PRO A 104 1.98 12.01 -12.46
CA PRO A 104 2.65 11.59 -13.69
C PRO A 104 4.17 11.69 -13.65
N MET A 105 4.69 12.65 -12.91
CA MET A 105 6.15 12.82 -12.79
C MET A 105 6.71 11.72 -11.91
N LEU A 106 6.06 11.49 -10.76
CA LEU A 106 6.48 10.45 -9.84
C LEU A 106 6.51 9.12 -10.56
N GLN A 107 5.47 8.87 -11.35
CA GLN A 107 5.37 7.63 -12.12
C GLN A 107 6.56 7.48 -13.05
N ALA A 108 6.91 8.57 -13.74
CA ALA A 108 8.04 8.55 -14.65
C ALA A 108 9.32 8.24 -13.90
N ALA A 109 9.43 8.76 -12.68
CA ALA A 109 10.61 8.51 -11.87
C ALA A 109 10.66 7.03 -11.53
N LEU A 110 9.55 6.53 -11.01
CA LEU A 110 9.44 5.12 -10.65
C LEU A 110 9.79 4.22 -11.84
N MET A 111 9.29 4.57 -13.01
CA MET A 111 9.57 3.81 -14.22
C MET A 111 11.08 3.70 -14.43
N LEU A 112 11.75 4.85 -14.44
CA LEU A 112 13.19 4.88 -14.63
C LEU A 112 13.86 3.91 -13.67
N ARG A 113 13.64 4.12 -12.38
CA ARG A 113 14.23 3.27 -11.36
C ARG A 113 13.98 1.79 -11.65
N LYS A 114 12.76 1.46 -12.05
CA LYS A 114 12.41 0.08 -12.34
C LYS A 114 13.25 -0.49 -13.47
N LYS A 115 13.61 0.34 -14.43
CA LYS A 115 14.41 -0.13 -15.54
C LYS A 115 15.90 0.09 -15.31
N GLY A 116 16.31 -0.06 -14.05
CA GLY A 116 17.71 0.11 -13.70
C GLY A 116 18.21 1.54 -13.71
N PHE A 117 17.63 2.37 -12.87
CA PHE A 117 18.03 3.77 -12.76
C PHE A 117 18.10 4.19 -11.30
N THR A 118 19.11 4.98 -10.95
CA THR A 118 19.24 5.44 -9.57
C THR A 118 18.59 6.82 -9.47
N THR A 119 17.45 6.87 -8.80
CA THR A 119 16.71 8.11 -8.63
C THR A 119 17.10 8.81 -7.34
N ALA A 120 16.76 10.09 -7.23
CA ALA A 120 17.07 10.87 -6.04
C ALA A 120 16.43 12.24 -6.11
N ILE A 121 16.07 12.78 -4.95
CA ILE A 121 15.44 14.09 -4.88
C ILE A 121 16.42 15.14 -4.36
N LEU A 122 16.56 16.22 -5.12
CA LEU A 122 17.43 17.32 -4.71
C LEU A 122 16.52 18.54 -4.55
N THR A 123 16.31 18.95 -3.32
CA THR A 123 15.44 20.09 -3.04
C THR A 123 15.94 20.98 -1.91
N ASN A 124 15.62 22.26 -2.02
CA ASN A 124 15.97 23.25 -1.03
C ASN A 124 14.80 23.39 -0.08
N THR A 125 14.77 22.52 0.92
CA THR A 125 13.68 22.55 1.88
C THR A 125 14.06 23.24 3.19
N TRP A 126 13.18 23.14 4.19
CA TRP A 126 13.40 23.78 5.48
C TRP A 126 12.87 22.90 6.60
N LEU A 127 13.39 23.10 7.82
CA LEU A 127 12.93 22.33 8.97
C LEU A 127 11.56 22.89 9.37
N ASP A 128 10.51 22.16 9.01
CA ASP A 128 9.15 22.57 9.29
C ASP A 128 8.72 22.25 10.72
N ASP A 129 8.44 23.28 11.50
CA ASP A 129 8.01 23.09 12.89
C ASP A 129 6.69 23.80 13.13
N ARG A 130 5.95 24.03 12.06
CA ARG A 130 4.66 24.70 12.14
C ARG A 130 3.69 23.73 12.81
N ALA A 131 2.57 24.25 13.29
CA ALA A 131 1.58 23.41 13.94
C ALA A 131 0.94 22.47 12.93
N GLU A 132 1.28 22.65 11.65
CA GLU A 132 0.73 21.80 10.59
C GLU A 132 1.84 21.02 9.91
N ARG A 133 3.02 21.02 10.53
CA ARG A 133 4.18 20.33 9.96
C ARG A 133 3.87 18.93 9.46
N ASP A 134 3.02 18.19 10.17
CA ASP A 134 2.68 16.83 9.79
C ASP A 134 2.28 16.72 8.31
N GLY A 135 1.56 17.71 7.82
CA GLY A 135 1.15 17.69 6.42
C GLY A 135 2.33 17.47 5.50
N LEU A 136 3.34 18.33 5.64
CA LEU A 136 4.52 18.22 4.80
C LEU A 136 5.20 16.87 5.10
N ALA A 137 5.13 16.45 6.36
CA ALA A 137 5.74 15.19 6.78
C ALA A 137 5.22 14.02 5.95
N GLN A 138 3.90 13.88 5.89
CA GLN A 138 3.28 12.79 5.14
C GLN A 138 3.70 12.81 3.67
N LEU A 139 3.75 14.01 3.08
CA LEU A 139 4.14 14.16 1.70
C LEU A 139 5.49 13.51 1.44
N MET A 140 6.50 13.97 2.15
CA MET A 140 7.85 13.43 2.00
C MET A 140 7.92 11.96 2.38
N CYS A 141 7.02 11.54 3.25
CA CYS A 141 6.98 10.16 3.69
C CYS A 141 6.58 9.27 2.52
N GLU A 142 5.64 9.74 1.69
CA GLU A 142 5.18 8.97 0.55
C GLU A 142 6.15 9.03 -0.62
N LEU A 143 6.93 10.10 -0.70
CA LEU A 143 7.89 10.26 -1.78
C LEU A 143 9.20 9.51 -1.52
N LYS A 144 9.67 9.55 -0.28
CA LYS A 144 10.91 8.89 0.11
C LYS A 144 11.05 7.48 -0.45
N MET A 145 10.15 6.60 -0.04
CA MET A 145 10.13 5.20 -0.44
C MET A 145 10.25 4.91 -1.94
N HIS A 146 10.14 5.95 -2.76
CA HIS A 146 10.22 5.74 -4.21
C HIS A 146 11.53 6.20 -4.82
N PHE A 147 12.40 6.77 -4.00
CA PHE A 147 13.69 7.26 -4.49
C PHE A 147 14.88 6.74 -3.69
N ASP A 148 15.92 6.32 -4.40
CA ASP A 148 17.13 5.81 -3.77
C ASP A 148 17.68 6.80 -2.77
N PHE A 149 17.59 8.08 -3.11
CA PHE A 149 18.11 9.12 -2.22
C PHE A 149 17.15 10.30 -2.11
N LEU A 150 17.37 11.10 -1.07
CA LEU A 150 16.58 12.29 -0.80
C LEU A 150 17.48 13.30 -0.10
N ILE A 151 18.05 14.22 -0.87
CA ILE A 151 18.93 15.23 -0.32
C ILE A 151 18.22 16.54 -0.02
N GLU A 152 18.09 16.87 1.25
CA GLU A 152 17.42 18.09 1.68
C GLU A 152 18.43 19.19 1.98
N SER A 153 18.17 20.38 1.45
CA SER A 153 19.06 21.52 1.66
C SER A 153 19.32 21.77 3.14
N CYS A 154 18.26 22.01 3.90
CA CYS A 154 18.39 22.28 5.32
C CYS A 154 19.02 21.12 6.06
N GLN A 155 19.20 20.00 5.36
CA GLN A 155 19.79 18.81 5.96
C GLN A 155 21.31 18.84 5.78
N VAL A 156 21.75 18.87 4.53
CA VAL A 156 23.17 18.88 4.20
C VAL A 156 23.86 20.23 4.42
N GLY A 157 23.10 21.22 4.88
CA GLY A 157 23.68 22.53 5.14
C GLY A 157 24.08 23.28 3.88
N MET A 158 23.71 22.75 2.73
CA MET A 158 24.04 23.37 1.46
C MET A 158 22.73 23.66 0.72
N VAL A 159 22.79 24.53 -0.28
CA VAL A 159 21.59 24.89 -1.06
C VAL A 159 21.91 25.21 -2.51
N LYS A 160 21.00 24.84 -3.40
CA LYS A 160 21.18 25.14 -4.81
C LYS A 160 21.07 26.65 -4.97
N PRO A 161 21.79 27.22 -5.96
CA PRO A 161 22.69 26.58 -6.92
C PRO A 161 24.15 26.46 -6.47
N GLU A 162 24.42 26.61 -5.18
CA GLU A 162 25.79 26.50 -4.69
C GLU A 162 26.43 25.26 -5.30
N PRO A 163 27.41 25.46 -6.18
CA PRO A 163 28.11 24.36 -6.85
C PRO A 163 28.58 23.23 -5.94
N GLN A 164 28.76 23.52 -4.66
CA GLN A 164 29.21 22.51 -3.71
C GLN A 164 28.21 21.35 -3.58
N ILE A 165 26.97 21.67 -3.25
CA ILE A 165 25.93 20.66 -3.08
C ILE A 165 25.83 19.73 -4.28
N TYR A 166 26.09 20.27 -5.47
CA TYR A 166 26.04 19.45 -6.68
C TYR A 166 27.14 18.40 -6.63
N LYS A 167 28.31 18.80 -6.13
CA LYS A 167 29.42 17.87 -6.01
C LYS A 167 28.97 16.76 -5.05
N PHE A 168 28.34 17.18 -3.97
CA PHE A 168 27.82 16.28 -2.95
C PHE A 168 26.92 15.25 -3.64
N LEU A 169 26.04 15.74 -4.52
CA LEU A 169 25.13 14.88 -5.26
C LEU A 169 25.89 13.81 -6.04
N LEU A 170 26.79 14.23 -6.92
CA LEU A 170 27.58 13.29 -7.70
C LEU A 170 28.17 12.24 -6.79
N ASP A 171 28.78 12.70 -5.71
CA ASP A 171 29.41 11.80 -4.75
C ASP A 171 28.41 10.82 -4.16
N THR A 172 27.24 11.32 -3.77
CA THR A 172 26.21 10.47 -3.18
C THR A 172 25.68 9.46 -4.20
N LEU A 173 25.58 9.90 -5.45
CA LEU A 173 25.10 9.05 -6.53
C LEU A 173 26.18 8.11 -7.04
N LYS A 174 27.38 8.25 -6.49
CA LYS A 174 28.51 7.43 -6.91
C LYS A 174 28.55 7.33 -8.42
N ALA A 175 28.31 8.45 -9.08
CA ALA A 175 28.31 8.49 -10.54
C ALA A 175 28.86 9.81 -11.09
N SER A 176 29.41 9.74 -12.28
CA SER A 176 29.97 10.91 -12.95
C SER A 176 28.84 11.75 -13.53
N PRO A 177 29.05 13.07 -13.67
CA PRO A 177 28.02 13.95 -14.22
C PRO A 177 27.31 13.35 -15.42
N SER A 178 28.03 13.25 -16.54
CA SER A 178 27.51 12.72 -17.79
C SER A 178 26.36 11.72 -17.67
N GLU A 179 26.49 10.76 -16.77
CA GLU A 179 25.44 9.75 -16.61
C GLU A 179 24.36 10.16 -15.62
N VAL A 180 24.06 11.45 -15.57
CA VAL A 180 23.04 11.96 -14.65
C VAL A 180 22.09 12.96 -15.32
N VAL A 181 20.81 12.88 -14.94
CA VAL A 181 19.80 13.78 -15.48
C VAL A 181 19.23 14.61 -14.34
N PHE A 182 19.28 15.93 -14.47
CA PHE A 182 18.77 16.80 -13.43
C PHE A 182 17.55 17.59 -13.93
N LEU A 183 16.43 17.42 -13.23
CA LEU A 183 15.20 18.12 -13.59
C LEU A 183 14.90 19.19 -12.54
N ASP A 184 14.58 20.39 -13.01
CA ASP A 184 14.26 21.49 -12.10
C ASP A 184 13.48 22.53 -12.87
N ASP A 185 12.63 23.28 -12.18
CA ASP A 185 11.83 24.31 -12.83
C ASP A 185 12.55 25.65 -12.86
N ILE A 186 13.61 25.78 -12.06
CA ILE A 186 14.40 27.01 -12.02
C ILE A 186 15.65 26.88 -12.87
N GLY A 187 15.83 27.82 -13.79
CA GLY A 187 16.99 27.79 -14.66
C GLY A 187 18.29 27.92 -13.89
N ALA A 188 18.35 28.88 -12.98
CA ALA A 188 19.54 29.11 -12.18
C ALA A 188 20.06 27.81 -11.58
N ASN A 189 19.15 27.01 -11.03
CA ASN A 189 19.55 25.74 -10.42
C ASN A 189 19.98 24.69 -11.44
N LEU A 190 19.92 25.05 -12.72
CA LEU A 190 20.29 24.11 -13.78
C LEU A 190 21.72 24.31 -14.32
N LYS A 191 22.10 25.57 -14.52
CA LYS A 191 23.42 25.91 -15.04
C LYS A 191 24.53 25.07 -14.40
N PRO A 192 24.66 25.12 -13.06
CA PRO A 192 25.70 24.36 -12.37
C PRO A 192 25.77 22.91 -12.82
N ALA A 193 24.60 22.27 -12.93
CA ALA A 193 24.53 20.87 -13.36
C ALA A 193 25.26 20.68 -14.67
N ARG A 194 25.01 21.58 -15.62
CA ARG A 194 25.65 21.50 -16.92
C ARG A 194 27.15 21.81 -16.84
N ASP A 195 27.50 22.81 -16.05
CA ASP A 195 28.91 23.19 -15.89
C ASP A 195 29.75 22.01 -15.40
N LEU A 196 29.10 21.01 -14.80
CA LEU A 196 29.78 19.83 -14.30
C LEU A 196 29.66 18.68 -15.31
N GLY A 197 28.77 18.86 -16.27
CA GLY A 197 28.56 17.85 -17.29
C GLY A 197 27.12 17.39 -17.41
N MET A 198 26.67 16.61 -16.42
CA MET A 198 25.32 16.07 -16.37
C MET A 198 24.24 16.83 -17.15
N VAL A 199 23.39 16.06 -17.83
CA VAL A 199 22.30 16.58 -18.64
C VAL A 199 21.20 17.19 -17.76
N THR A 200 20.69 18.34 -18.18
CA THR A 200 19.64 19.03 -17.44
C THR A 200 18.37 19.15 -18.28
N ILE A 201 17.25 19.46 -17.62
CA ILE A 201 15.96 19.62 -18.27
C ILE A 201 15.15 20.68 -17.53
N LEU A 202 14.89 21.81 -18.17
CA LEU A 202 14.11 22.86 -17.53
C LEU A 202 12.66 22.39 -17.55
N VAL A 203 12.10 22.21 -16.36
CA VAL A 203 10.73 21.73 -16.25
C VAL A 203 9.68 22.82 -16.07
N GLN A 204 8.90 23.06 -17.12
CA GLN A 204 7.82 24.03 -17.08
C GLN A 204 6.57 23.20 -16.91
N ASP A 205 6.07 22.66 -18.01
CA ASP A 205 4.90 21.80 -17.97
C ASP A 205 5.43 20.37 -17.95
N THR A 206 4.77 19.51 -17.18
CA THR A 206 5.19 18.11 -17.05
C THR A 206 5.39 17.31 -18.33
N ASP A 207 4.34 17.21 -19.14
CA ASP A 207 4.42 16.45 -20.39
C ASP A 207 5.62 16.82 -21.25
N THR A 208 5.89 18.11 -21.38
CA THR A 208 7.02 18.58 -22.17
C THR A 208 8.32 18.06 -21.58
N ALA A 209 8.51 18.29 -20.29
CA ALA A 209 9.71 17.84 -19.60
C ALA A 209 9.86 16.34 -19.78
N LEU A 210 8.77 15.61 -19.61
CA LEU A 210 8.78 14.15 -19.76
C LEU A 210 9.24 13.75 -21.15
N LYS A 211 8.79 14.49 -22.17
CA LYS A 211 9.17 14.18 -23.54
C LYS A 211 10.69 14.30 -23.69
N GLU A 212 11.24 15.39 -23.18
CA GLU A 212 12.68 15.61 -23.24
C GLU A 212 13.34 14.46 -22.51
N LEU A 213 12.78 14.12 -21.36
CA LEU A 213 13.29 13.05 -20.52
C LEU A 213 13.17 11.70 -21.23
N GLU A 214 11.96 11.40 -21.69
CA GLU A 214 11.68 10.16 -22.41
C GLU A 214 12.70 9.98 -23.52
N LYS A 215 13.08 11.10 -24.13
CA LYS A 215 14.05 11.08 -25.21
C LYS A 215 15.46 10.86 -24.71
N VAL A 216 15.99 11.87 -24.02
CA VAL A 216 17.35 11.81 -23.49
C VAL A 216 17.64 10.49 -22.76
N THR A 217 16.60 9.81 -22.30
CA THR A 217 16.76 8.54 -21.59
C THR A 217 16.46 7.36 -22.50
N GLY A 218 15.68 7.58 -23.54
CA GLY A 218 15.34 6.50 -24.44
C GLY A 218 14.52 5.42 -23.76
N ILE A 219 13.48 5.84 -23.04
CA ILE A 219 12.60 4.92 -22.32
C ILE A 219 11.19 5.51 -22.32
N GLN A 220 10.21 4.73 -22.76
CA GLN A 220 8.84 5.21 -22.79
C GLN A 220 8.38 5.58 -21.38
N LEU A 221 8.12 6.87 -21.18
CA LEU A 221 7.68 7.38 -19.88
C LEU A 221 6.29 7.98 -20.00
N LEU A 222 6.07 8.73 -21.08
CA LEU A 222 4.80 9.38 -21.35
C LEU A 222 3.83 8.43 -22.06
N ASN A 223 2.54 8.59 -21.81
CA ASN A 223 1.52 7.75 -22.44
C ASN A 223 1.78 6.28 -22.17
N THR A 224 2.18 5.97 -20.94
CA THR A 224 2.47 4.59 -20.56
C THR A 224 1.28 3.97 -19.81
N PRO A 225 1.16 2.64 -19.85
CA PRO A 225 0.08 1.91 -19.17
C PRO A 225 -0.04 2.27 -17.69
N ALA A 226 -1.23 2.06 -17.13
CA ALA A 226 -1.45 2.32 -15.71
C ALA A 226 -0.66 1.24 -14.98
N PRO A 227 0.32 1.65 -14.16
CA PRO A 227 1.16 0.72 -13.40
C PRO A 227 0.47 0.09 -12.21
N LEU A 228 1.11 -0.94 -11.65
CA LEU A 228 0.57 -1.62 -10.48
C LEU A 228 0.84 -0.80 -9.24
N PRO A 229 -0.01 -0.94 -8.22
CA PRO A 229 0.18 -0.18 -6.98
C PRO A 229 1.48 -0.63 -6.29
N THR A 230 1.98 0.18 -5.36
CA THR A 230 3.20 -0.16 -4.65
C THR A 230 3.09 -1.51 -3.96
N SER A 231 4.08 -2.37 -4.18
CA SER A 231 4.10 -3.70 -3.58
C SER A 231 5.23 -3.71 -2.55
N CYS A 232 4.88 -3.70 -1.27
CA CYS A 232 5.86 -3.69 -0.19
C CYS A 232 6.90 -4.80 -0.25
N ASN A 233 8.12 -4.47 0.20
CA ASN A 233 9.22 -5.42 0.22
C ASN A 233 9.39 -6.01 1.62
N PRO A 234 9.27 -7.35 1.74
CA PRO A 234 9.39 -8.05 3.01
C PRO A 234 10.41 -7.48 4.00
N SER A 235 11.68 -7.52 3.62
CA SER A 235 12.76 -7.04 4.47
C SER A 235 12.61 -5.59 4.94
N ASP A 236 11.72 -4.83 4.31
CA ASP A 236 11.52 -3.44 4.70
C ASP A 236 10.22 -3.25 5.46
N MET A 237 9.68 -4.33 5.99
CA MET A 237 8.43 -4.26 6.74
C MET A 237 8.65 -4.52 8.21
N SER A 238 7.82 -3.90 9.04
CA SER A 238 7.91 -4.11 10.48
C SER A 238 7.24 -5.44 10.78
N HIS A 239 7.97 -6.33 11.46
CA HIS A 239 7.44 -7.63 11.79
C HIS A 239 7.04 -7.71 13.26
N GLY A 240 5.82 -8.13 13.52
CA GLY A 240 5.34 -8.23 14.89
C GLY A 240 4.99 -9.65 15.28
N TYR A 241 5.14 -9.95 16.57
CA TYR A 241 4.83 -11.28 17.08
C TYR A 241 4.07 -11.18 18.39
N VAL A 242 3.04 -12.00 18.53
CA VAL A 242 2.23 -12.02 19.72
C VAL A 242 1.96 -13.46 20.10
N THR A 243 2.14 -13.78 21.38
CA THR A 243 1.89 -15.12 21.87
C THR A 243 0.44 -15.16 22.34
N VAL A 244 -0.40 -15.82 21.57
CA VAL A 244 -1.82 -15.91 21.90
C VAL A 244 -2.08 -17.00 22.93
N LYS A 245 -1.29 -18.07 22.84
CA LYS A 245 -1.38 -19.20 23.75
C LYS A 245 0.04 -19.71 23.98
N PRO A 246 0.29 -20.33 25.14
CA PRO A 246 1.60 -20.87 25.49
C PRO A 246 2.44 -21.42 24.33
N ARG A 247 1.79 -22.06 23.37
CA ARG A 247 2.51 -22.65 22.25
C ARG A 247 2.02 -22.17 20.89
N VAL A 248 1.37 -21.00 20.86
CA VAL A 248 0.86 -20.46 19.62
C VAL A 248 1.26 -19.00 19.50
N ARG A 249 2.13 -18.69 18.53
CA ARG A 249 2.60 -17.32 18.34
C ARG A 249 2.27 -16.86 16.92
N LEU A 250 1.45 -15.83 16.82
CA LEU A 250 1.05 -15.29 15.52
C LEU A 250 1.98 -14.18 15.04
N HIS A 251 2.26 -14.17 13.74
CA HIS A 251 3.14 -13.17 13.15
C HIS A 251 2.32 -12.26 12.23
N PHE A 252 2.74 -11.00 12.13
CA PHE A 252 2.04 -10.05 11.27
C PHE A 252 2.96 -8.93 10.80
N VAL A 253 2.54 -8.28 9.72
CA VAL A 253 3.29 -7.18 9.15
C VAL A 253 2.46 -5.95 9.45
N GLU A 254 3.09 -4.93 10.02
CA GLU A 254 2.39 -3.71 10.41
C GLU A 254 2.89 -2.46 9.69
N LEU A 255 1.96 -1.66 9.17
CA LEU A 255 2.33 -0.44 8.47
C LEU A 255 1.19 0.59 8.50
N GLY A 256 1.52 1.83 8.85
CA GLY A 256 0.51 2.87 8.90
C GLY A 256 0.03 3.22 10.29
N SER A 257 -0.80 4.25 10.38
CA SER A 257 -1.34 4.71 11.66
C SER A 257 -2.81 5.07 11.55
N GLY A 258 -3.55 4.84 12.63
CA GLY A 258 -4.97 5.15 12.63
C GLY A 258 -5.80 3.93 12.98
N PRO A 259 -7.02 3.82 12.43
CA PRO A 259 -7.90 2.68 12.71
C PRO A 259 -7.21 1.38 12.29
N ALA A 260 -7.13 0.43 13.22
CA ALA A 260 -6.48 -0.85 12.93
C ALA A 260 -7.29 -1.71 11.96
N VAL A 261 -6.66 -2.08 10.85
CA VAL A 261 -7.30 -2.92 9.83
C VAL A 261 -6.56 -4.24 9.76
N CYS A 262 -7.19 -5.30 10.25
CA CYS A 262 -6.58 -6.62 10.25
C CYS A 262 -6.90 -7.40 8.97
N LEU A 263 -5.85 -7.81 8.26
CA LEU A 263 -6.02 -8.56 7.01
C LEU A 263 -5.75 -10.04 7.25
N CYS A 264 -6.74 -10.87 6.93
CA CYS A 264 -6.60 -12.31 7.13
C CYS A 264 -6.64 -13.06 5.79
N HIS A 265 -5.49 -13.56 5.37
CA HIS A 265 -5.37 -14.29 4.11
C HIS A 265 -6.06 -15.66 4.12
N GLY A 266 -6.13 -16.29 2.95
CA GLY A 266 -6.77 -17.58 2.83
C GLY A 266 -5.80 -18.70 2.49
N PHE A 267 -6.36 -19.88 2.18
CA PHE A 267 -5.57 -21.05 1.84
C PHE A 267 -5.24 -21.11 0.36
N PRO A 268 -3.96 -21.28 0.02
CA PRO A 268 -2.81 -21.41 0.91
C PRO A 268 -1.88 -20.22 0.65
N GLU A 269 -2.05 -19.14 1.42
CA GLU A 269 -1.24 -17.95 1.20
C GLU A 269 -0.39 -17.50 2.37
N SER A 270 -0.32 -16.18 2.58
CA SER A 270 0.45 -15.60 3.67
C SER A 270 0.13 -14.11 3.70
N TRP A 271 0.75 -13.38 4.63
CA TRP A 271 0.51 -11.95 4.74
C TRP A 271 0.89 -11.29 3.42
N TYR A 272 1.78 -11.93 2.68
CA TYR A 272 2.24 -11.41 1.41
C TYR A 272 1.15 -11.28 0.35
N SER A 273 0.02 -11.95 0.55
CA SER A 273 -1.07 -11.88 -0.41
C SER A 273 -1.75 -10.51 -0.39
N TRP A 274 -1.32 -9.64 0.53
CA TRP A 274 -1.89 -8.30 0.62
C TRP A 274 -0.85 -7.25 0.25
N ARG A 275 0.26 -7.70 -0.31
CA ARG A 275 1.35 -6.81 -0.70
C ARG A 275 0.90 -5.58 -1.47
N TYR A 276 -0.24 -5.68 -2.14
CA TYR A 276 -0.75 -4.56 -2.93
C TYR A 276 -1.69 -3.63 -2.15
N GLN A 277 -2.26 -4.12 -1.07
CA GLN A 277 -3.17 -3.28 -0.28
C GLN A 277 -2.53 -2.75 1.00
N ILE A 278 -1.49 -3.41 1.49
CA ILE A 278 -0.83 -2.95 2.71
C ILE A 278 -0.37 -1.51 2.57
N PRO A 279 0.36 -1.18 1.50
CA PRO A 279 0.81 0.20 1.34
C PRO A 279 -0.38 1.14 1.14
N ALA A 280 -1.16 0.88 0.10
CA ALA A 280 -2.34 1.68 -0.24
C ALA A 280 -3.23 2.00 0.96
N LEU A 281 -3.65 0.97 1.68
CA LEU A 281 -4.51 1.17 2.85
C LEU A 281 -3.83 2.06 3.88
N ALA A 282 -2.53 1.84 4.09
CA ALA A 282 -1.81 2.65 5.05
C ALA A 282 -1.89 4.09 4.58
N GLN A 283 -1.43 4.32 3.36
CA GLN A 283 -1.45 5.67 2.81
C GLN A 283 -2.85 6.28 2.90
N ALA A 284 -3.87 5.42 2.96
CA ALA A 284 -5.25 5.86 3.04
C ALA A 284 -5.59 6.37 4.45
N GLY A 285 -4.67 6.18 5.37
CA GLY A 285 -4.88 6.65 6.74
C GLY A 285 -5.22 5.55 7.73
N TYR A 286 -4.77 4.33 7.46
CA TYR A 286 -5.07 3.23 8.35
C TYR A 286 -3.83 2.49 8.83
N ARG A 287 -4.00 1.77 9.94
CA ARG A 287 -2.94 0.99 10.55
C ARG A 287 -3.15 -0.47 10.13
N VAL A 288 -2.60 -0.82 8.97
CA VAL A 288 -2.73 -2.17 8.45
C VAL A 288 -1.94 -3.19 9.25
N LEU A 289 -2.60 -4.30 9.57
CA LEU A 289 -1.98 -5.38 10.31
C LEU A 289 -2.13 -6.67 9.51
N ALA A 290 -1.41 -6.78 8.40
CA ALA A 290 -1.47 -7.97 7.56
C ALA A 290 -1.07 -9.16 8.41
N MET A 291 -1.98 -10.11 8.56
CA MET A 291 -1.71 -11.28 9.39
C MET A 291 -0.99 -12.43 8.69
N ASP A 292 -0.60 -13.40 9.51
CA ASP A 292 0.08 -14.61 9.04
C ASP A 292 -0.73 -15.67 9.79
N MET A 293 -1.95 -15.91 9.30
CA MET A 293 -2.88 -16.85 9.90
C MET A 293 -2.27 -18.14 10.44
N LYS A 294 -2.64 -18.47 11.67
CA LYS A 294 -2.17 -19.66 12.35
C LYS A 294 -1.95 -20.83 11.40
N GLY A 295 -0.72 -21.34 11.37
CA GLY A 295 -0.42 -22.46 10.49
C GLY A 295 0.41 -22.05 9.30
N TYR A 296 0.52 -20.75 9.06
CA TYR A 296 1.29 -20.25 7.92
C TYR A 296 2.51 -19.42 8.32
N GLY A 297 3.48 -19.32 7.42
CA GLY A 297 4.67 -18.55 7.64
C GLY A 297 5.30 -18.58 9.02
N GLU A 298 5.62 -17.40 9.54
CA GLU A 298 6.24 -17.26 10.84
C GLU A 298 5.28 -17.43 12.00
N SER A 299 4.14 -18.06 11.75
CA SER A 299 3.16 -18.28 12.80
C SER A 299 3.18 -19.74 13.22
N SER A 300 3.01 -19.98 14.50
CA SER A 300 3.01 -21.33 15.04
C SER A 300 2.10 -22.21 14.21
N ALA A 301 2.53 -23.44 13.96
CA ALA A 301 1.75 -24.39 13.18
C ALA A 301 1.67 -25.76 13.85
N PRO A 302 0.92 -25.86 14.96
CA PRO A 302 0.80 -27.15 15.65
C PRO A 302 0.05 -28.17 14.81
N PRO A 303 0.41 -29.46 14.94
CA PRO A 303 -0.19 -30.58 14.22
C PRO A 303 -1.67 -30.87 14.53
N GLU A 304 -2.04 -30.82 15.80
CA GLU A 304 -3.42 -31.10 16.22
C GLU A 304 -4.47 -30.40 15.37
N ILE A 305 -5.36 -31.19 14.77
CA ILE A 305 -6.43 -30.66 13.93
C ILE A 305 -7.36 -29.73 14.70
N GLU A 306 -7.76 -30.16 15.89
CA GLU A 306 -8.66 -29.36 16.72
C GLU A 306 -8.12 -27.95 16.85
N GLU A 307 -6.79 -27.82 16.78
CA GLU A 307 -6.14 -26.52 16.89
C GLU A 307 -6.49 -25.56 15.75
N TYR A 308 -7.28 -26.02 14.79
CA TYR A 308 -7.64 -25.17 13.67
C TYR A 308 -9.14 -24.99 13.42
N CYS A 309 -9.96 -25.32 14.40
CA CYS A 309 -11.40 -25.15 14.24
C CYS A 309 -11.69 -23.67 14.45
N MET A 310 -12.64 -23.15 13.68
CA MET A 310 -13.01 -21.73 13.73
C MET A 310 -13.08 -21.11 15.13
N GLU A 311 -13.76 -21.77 16.06
CA GLU A 311 -13.89 -21.24 17.41
C GLU A 311 -12.54 -20.88 18.03
N VAL A 312 -11.60 -21.82 17.99
CA VAL A 312 -10.28 -21.58 18.56
C VAL A 312 -9.55 -20.49 17.77
N LEU A 313 -9.68 -20.55 16.45
CA LEU A 313 -9.04 -19.57 15.59
C LEU A 313 -9.49 -18.16 15.95
N CYS A 314 -10.79 -18.00 16.19
CA CYS A 314 -11.31 -16.68 16.54
C CYS A 314 -10.89 -16.25 17.93
N LYS A 315 -10.95 -17.17 18.89
CA LYS A 315 -10.56 -16.83 20.26
C LYS A 315 -9.13 -16.30 20.33
N GLU A 316 -8.25 -16.85 19.49
CA GLU A 316 -6.86 -16.41 19.48
C GLU A 316 -6.74 -15.03 18.85
N MET A 317 -7.58 -14.76 17.86
CA MET A 317 -7.58 -13.46 17.19
C MET A 317 -8.03 -12.40 18.18
N VAL A 318 -8.92 -12.78 19.08
CA VAL A 318 -9.41 -11.87 20.09
C VAL A 318 -8.28 -11.67 21.08
N THR A 319 -7.61 -12.76 21.45
CA THR A 319 -6.48 -12.70 22.36
C THR A 319 -5.41 -11.83 21.73
N PHE A 320 -5.30 -11.93 20.41
CA PHE A 320 -4.33 -11.15 19.65
C PHE A 320 -4.61 -9.67 19.88
N LEU A 321 -5.89 -9.31 19.80
CA LEU A 321 -6.30 -7.93 20.00
C LEU A 321 -5.95 -7.54 21.44
N ASP A 322 -6.30 -8.42 22.37
CA ASP A 322 -6.04 -8.19 23.79
C ASP A 322 -4.57 -7.90 24.07
N LYS A 323 -3.70 -8.82 23.66
CA LYS A 323 -2.26 -8.65 23.88
C LYS A 323 -1.72 -7.35 23.28
N LEU A 324 -2.30 -6.91 22.18
CA LEU A 324 -1.86 -5.70 21.51
C LEU A 324 -2.47 -4.42 22.08
N GLY A 325 -3.49 -4.57 22.93
CA GLY A 325 -4.13 -3.41 23.52
C GLY A 325 -5.10 -2.72 22.60
N LEU A 326 -5.77 -3.51 21.75
CA LEU A 326 -6.75 -2.99 20.80
C LEU A 326 -8.14 -3.44 21.19
N SER A 327 -9.02 -2.49 21.47
CA SER A 327 -10.39 -2.80 21.85
C SER A 327 -11.18 -3.34 20.66
N GLN A 328 -11.01 -2.70 19.50
CA GLN A 328 -11.68 -3.12 18.28
C GLN A 328 -10.69 -3.24 17.13
N ALA A 329 -11.20 -3.59 15.96
CA ALA A 329 -10.40 -3.72 14.76
C ALA A 329 -11.28 -4.06 13.57
N VAL A 330 -10.91 -3.54 12.41
CA VAL A 330 -11.66 -3.81 11.20
C VAL A 330 -11.08 -5.07 10.58
N PHE A 331 -11.90 -6.11 10.51
CA PHE A 331 -11.45 -7.38 9.95
C PHE A 331 -11.82 -7.56 8.49
N ILE A 332 -10.80 -7.68 7.65
CA ILE A 332 -10.97 -7.89 6.22
C ILE A 332 -10.37 -9.24 5.91
N GLY A 333 -11.17 -10.14 5.37
CA GLY A 333 -10.67 -11.47 5.05
C GLY A 333 -10.78 -11.84 3.59
N HIS A 334 -10.31 -13.05 3.28
CA HIS A 334 -10.35 -13.58 1.93
C HIS A 334 -10.28 -15.10 2.03
N ASP A 335 -11.07 -15.78 1.22
CA ASP A 335 -11.11 -17.23 1.23
C ASP A 335 -11.44 -17.65 2.67
N TRP A 336 -10.61 -18.51 3.26
CA TRP A 336 -10.86 -18.92 4.64
C TRP A 336 -10.87 -17.69 5.54
N GLY A 337 -10.01 -16.73 5.21
CA GLY A 337 -9.95 -15.50 6.01
C GLY A 337 -11.32 -14.87 6.07
N GLY A 338 -11.95 -14.68 4.91
CA GLY A 338 -13.27 -14.10 4.87
C GLY A 338 -14.20 -14.88 5.80
N MET A 339 -14.05 -16.19 5.79
CA MET A 339 -14.87 -17.03 6.65
C MET A 339 -14.64 -16.64 8.09
N LEU A 340 -13.36 -16.52 8.45
CA LEU A 340 -12.94 -16.15 9.79
C LEU A 340 -13.54 -14.84 10.28
N VAL A 341 -13.51 -13.81 9.44
CA VAL A 341 -14.05 -12.52 9.82
C VAL A 341 -15.56 -12.53 10.01
N TRP A 342 -16.27 -13.30 9.18
CA TRP A 342 -17.72 -13.37 9.33
C TRP A 342 -18.06 -13.89 10.72
N TYR A 343 -17.35 -14.91 11.17
CA TYR A 343 -17.61 -15.46 12.49
C TYR A 343 -17.00 -14.62 13.61
N MET A 344 -16.17 -13.66 13.24
CA MET A 344 -15.59 -12.77 14.22
C MET A 344 -16.70 -11.77 14.53
N ALA A 345 -17.43 -11.40 13.49
CA ALA A 345 -18.54 -10.46 13.62
C ALA A 345 -19.72 -11.11 14.34
N LEU A 346 -19.98 -12.39 14.05
CA LEU A 346 -21.09 -13.10 14.67
C LEU A 346 -20.87 -13.51 16.13
N PHE A 347 -19.62 -13.58 16.56
CA PHE A 347 -19.32 -13.99 17.92
C PHE A 347 -18.64 -12.93 18.79
N TYR A 348 -18.01 -11.94 18.15
CA TYR A 348 -17.33 -10.88 18.89
C TYR A 348 -17.57 -9.51 18.27
N PRO A 349 -18.84 -9.14 18.06
CA PRO A 349 -19.20 -7.84 17.46
C PRO A 349 -18.47 -6.71 18.18
N GLU A 350 -18.49 -6.78 19.50
CA GLU A 350 -17.86 -5.80 20.36
C GLU A 350 -16.43 -5.48 19.91
N ARG A 351 -15.79 -6.48 19.28
CA ARG A 351 -14.42 -6.36 18.81
C ARG A 351 -14.24 -5.94 17.37
N VAL A 352 -15.29 -6.08 16.57
CA VAL A 352 -15.20 -5.75 15.16
C VAL A 352 -15.73 -4.36 14.82
N ARG A 353 -14.83 -3.48 14.40
CA ARG A 353 -15.20 -2.13 14.02
C ARG A 353 -16.05 -2.25 12.76
N ALA A 354 -15.62 -3.15 11.88
CA ALA A 354 -16.31 -3.42 10.62
C ALA A 354 -15.71 -4.68 10.03
N VAL A 355 -16.51 -5.39 9.23
CA VAL A 355 -16.04 -6.62 8.62
C VAL A 355 -16.24 -6.58 7.12
N ALA A 356 -15.27 -7.14 6.39
CA ALA A 356 -15.32 -7.19 4.94
C ALA A 356 -14.71 -8.48 4.42
N SER A 357 -15.43 -9.14 3.50
CA SER A 357 -14.97 -10.39 2.92
C SER A 357 -14.80 -10.28 1.41
N LEU A 358 -13.77 -10.95 0.90
CA LEU A 358 -13.47 -10.97 -0.52
C LEU A 358 -13.74 -12.39 -1.03
N ASN A 359 -14.71 -12.53 -1.93
CA ASN A 359 -15.08 -13.82 -2.50
C ASN A 359 -15.93 -14.69 -1.57
N THR A 360 -15.44 -14.91 -0.35
CA THR A 360 -16.15 -15.74 0.62
C THR A 360 -17.49 -15.17 1.08
N PRO A 361 -18.57 -15.88 0.79
CA PRO A 361 -19.91 -15.42 1.18
C PRO A 361 -20.29 -15.99 2.55
N PHE A 362 -21.06 -15.24 3.32
CA PHE A 362 -21.49 -15.73 4.62
C PHE A 362 -22.78 -16.53 4.47
N ILE A 363 -22.65 -17.85 4.64
CA ILE A 363 -23.80 -18.74 4.53
C ILE A 363 -24.01 -19.44 5.87
N PRO A 364 -25.15 -19.17 6.54
CA PRO A 364 -25.47 -19.78 7.82
C PRO A 364 -25.64 -21.29 7.71
N ALA A 365 -25.01 -22.02 8.62
CA ALA A 365 -25.07 -23.48 8.61
C ALA A 365 -26.49 -24.02 8.62
N ASN A 366 -26.70 -25.15 7.97
CA ASN A 366 -28.01 -25.80 7.92
C ASN A 366 -28.16 -26.76 9.10
N PRO A 367 -29.07 -26.47 10.02
CA PRO A 367 -29.32 -27.28 11.21
C PRO A 367 -29.60 -28.74 10.89
N ASN A 368 -30.15 -28.98 9.71
CA ASN A 368 -30.51 -30.33 9.29
C ASN A 368 -29.39 -31.09 8.61
N MET A 369 -29.01 -30.64 7.41
CA MET A 369 -27.96 -31.28 6.64
C MET A 369 -26.60 -31.08 7.28
N SER A 370 -25.77 -32.11 7.24
CA SER A 370 -24.43 -32.02 7.81
C SER A 370 -23.46 -31.48 6.77
N PRO A 371 -22.33 -30.92 7.22
CA PRO A 371 -21.33 -30.35 6.32
C PRO A 371 -20.91 -31.32 5.21
N LEU A 372 -20.53 -32.53 5.62
CA LEU A 372 -20.11 -33.57 4.68
C LEU A 372 -21.12 -33.72 3.54
N GLU A 373 -22.39 -33.79 3.90
CA GLU A 373 -23.47 -33.94 2.92
C GLU A 373 -23.57 -32.70 2.05
N SER A 374 -23.69 -31.54 2.68
CA SER A 374 -23.80 -30.27 1.98
C SER A 374 -22.67 -30.06 0.99
N ILE A 375 -21.46 -30.45 1.37
CA ILE A 375 -20.30 -30.29 0.51
C ILE A 375 -20.34 -31.24 -0.69
N LYS A 376 -20.68 -32.50 -0.46
CA LYS A 376 -20.75 -33.46 -1.55
C LYS A 376 -21.81 -33.01 -2.55
N ALA A 377 -22.71 -32.16 -2.09
CA ALA A 377 -23.78 -31.64 -2.94
C ALA A 377 -23.24 -30.63 -3.95
N ASN A 378 -21.98 -30.25 -3.80
CA ASN A 378 -21.36 -29.30 -4.71
C ASN A 378 -20.13 -29.90 -5.38
N PRO A 379 -20.23 -30.20 -6.68
CA PRO A 379 -19.17 -30.79 -7.50
C PRO A 379 -17.81 -30.12 -7.34
N VAL A 380 -17.79 -28.80 -7.46
CA VAL A 380 -16.56 -28.04 -7.36
C VAL A 380 -15.88 -28.17 -5.99
N PHE A 381 -16.66 -28.46 -4.95
CA PHE A 381 -16.09 -28.61 -3.61
C PHE A 381 -15.51 -30.02 -3.43
N ASP A 382 -15.51 -30.80 -4.51
CA ASP A 382 -14.98 -32.16 -4.48
C ASP A 382 -13.62 -32.20 -3.81
N TYR A 383 -12.74 -31.30 -4.23
CA TYR A 383 -11.38 -31.22 -3.69
C TYR A 383 -11.35 -31.18 -2.17
N GLN A 384 -12.39 -30.62 -1.55
CA GLN A 384 -12.44 -30.53 -0.10
C GLN A 384 -12.48 -31.91 0.55
N LEU A 385 -13.01 -32.88 -0.16
CA LEU A 385 -13.08 -34.24 0.36
C LEU A 385 -11.67 -34.83 0.28
N TYR A 386 -10.92 -34.39 -0.73
CA TYR A 386 -9.56 -34.84 -0.94
C TYR A 386 -8.63 -34.34 0.17
N PHE A 387 -9.05 -33.28 0.86
CA PHE A 387 -8.24 -32.71 1.92
C PHE A 387 -8.48 -33.35 3.29
N GLN A 388 -9.55 -34.11 3.42
CA GLN A 388 -9.88 -34.73 4.69
C GLN A 388 -8.82 -35.68 5.23
N GLU A 389 -8.56 -36.77 4.51
CA GLU A 389 -7.55 -37.73 4.95
C GLU A 389 -6.20 -37.05 5.20
N PRO A 390 -5.70 -37.13 6.45
CA PRO A 390 -4.43 -36.52 6.85
C PRO A 390 -3.22 -37.17 6.16
N GLY A 391 -2.36 -36.33 5.57
CA GLY A 391 -1.18 -36.83 4.91
C GLY A 391 -1.27 -36.81 3.39
N VAL A 392 -2.35 -37.39 2.88
CA VAL A 392 -2.55 -37.45 1.43
C VAL A 392 -2.32 -36.10 0.77
N ALA A 393 -3.16 -35.12 1.10
CA ALA A 393 -3.05 -33.79 0.52
C ALA A 393 -1.65 -33.20 0.74
N GLU A 394 -1.15 -33.31 1.96
CA GLU A 394 0.17 -32.78 2.29
C GLU A 394 1.22 -33.30 1.32
N ALA A 395 1.21 -34.61 1.11
CA ALA A 395 2.17 -35.26 0.22
C ALA A 395 2.32 -34.56 -1.13
N GLU A 396 1.22 -34.53 -1.89
CA GLU A 396 1.20 -33.93 -3.23
C GLU A 396 1.61 -32.45 -3.25
N LEU A 397 1.08 -31.68 -2.31
CA LEU A 397 1.38 -30.25 -2.25
C LEU A 397 2.80 -29.92 -1.82
N GLU A 398 3.30 -30.58 -0.79
CA GLU A 398 4.66 -30.33 -0.31
C GLU A 398 5.70 -30.96 -1.21
N GLN A 399 5.25 -31.81 -2.13
CA GLN A 399 6.16 -32.51 -3.03
C GLN A 399 6.97 -31.54 -3.87
N ASN A 400 6.31 -30.58 -4.50
CA ASN A 400 7.01 -29.59 -5.32
C ASN A 400 6.39 -28.21 -5.08
N LEU A 401 6.84 -27.53 -4.04
CA LEU A 401 6.32 -26.22 -3.68
C LEU A 401 6.25 -25.26 -4.87
N SER A 402 7.37 -25.11 -5.57
CA SER A 402 7.43 -24.22 -6.73
C SER A 402 6.29 -24.51 -7.70
N ARG A 403 6.08 -25.78 -8.01
CA ARG A 403 5.03 -26.18 -8.94
C ARG A 403 3.66 -25.93 -8.33
N THR A 404 3.50 -26.31 -7.07
CA THR A 404 2.24 -26.15 -6.37
C THR A 404 1.70 -24.73 -6.47
N PHE A 405 2.54 -23.76 -6.14
CA PHE A 405 2.12 -22.36 -6.17
C PHE A 405 1.97 -21.81 -7.59
N LYS A 406 2.81 -22.25 -8.50
CA LYS A 406 2.72 -21.79 -9.87
C LYS A 406 1.47 -22.35 -10.54
N SER A 407 0.98 -23.46 -10.03
CA SER A 407 -0.21 -24.10 -10.56
C SER A 407 -1.48 -23.50 -9.96
N LEU A 408 -1.38 -23.05 -8.71
CA LEU A 408 -2.52 -22.46 -8.02
C LEU A 408 -2.72 -21.01 -8.43
N PHE A 409 -1.77 -20.15 -8.04
CA PHE A 409 -1.85 -18.71 -8.35
C PHE A 409 -1.86 -18.42 -9.85
N ARG A 410 -3.06 -18.46 -10.44
CA ARG A 410 -3.22 -18.20 -11.86
C ARG A 410 -4.49 -17.41 -12.15
N ALA A 411 -4.47 -16.63 -13.23
CA ALA A 411 -5.62 -15.83 -13.63
C ALA A 411 -6.75 -16.76 -14.07
N SER A 412 -7.93 -16.19 -14.32
CA SER A 412 -9.09 -16.97 -14.73
C SER A 412 -9.00 -17.44 -16.18
N ASP A 413 -8.03 -16.92 -16.92
CA ASP A 413 -7.86 -17.29 -18.31
C ASP A 413 -6.63 -18.16 -18.53
N GLU A 414 -5.95 -18.52 -17.45
CA GLU A 414 -4.74 -19.33 -17.56
C GLU A 414 -4.67 -20.47 -16.55
N SER A 415 -5.82 -21.02 -16.22
CA SER A 415 -5.90 -22.12 -15.27
C SER A 415 -5.26 -23.40 -15.80
N VAL A 416 -4.88 -24.29 -14.89
CA VAL A 416 -4.28 -25.57 -15.27
C VAL A 416 -4.71 -26.66 -14.29
N LEU A 417 -5.59 -26.31 -13.35
CA LEU A 417 -6.09 -27.24 -12.35
C LEU A 417 -7.61 -27.39 -12.44
N SER A 418 -8.08 -28.64 -12.48
CA SER A 418 -9.50 -28.91 -12.57
C SER A 418 -10.06 -29.47 -11.26
N MET A 419 -10.56 -28.57 -10.41
CA MET A 419 -11.14 -28.98 -9.13
C MET A 419 -12.35 -29.86 -9.37
N HIS A 420 -12.69 -30.06 -10.63
CA HIS A 420 -13.84 -30.88 -11.03
C HIS A 420 -13.77 -32.28 -10.42
N LYS A 421 -13.03 -33.16 -11.08
CA LYS A 421 -12.89 -34.53 -10.63
C LYS A 421 -11.55 -34.77 -9.94
N VAL A 422 -11.29 -34.01 -8.88
CA VAL A 422 -10.05 -34.16 -8.14
C VAL A 422 -9.98 -35.56 -7.53
N CYS A 423 -10.99 -35.90 -6.74
CA CYS A 423 -11.04 -37.23 -6.12
C CYS A 423 -10.96 -38.30 -7.20
N GLU A 424 -11.71 -38.11 -8.28
CA GLU A 424 -11.72 -39.06 -9.39
C GLU A 424 -10.30 -39.31 -9.90
N ALA A 425 -9.63 -38.25 -10.30
CA ALA A 425 -8.27 -38.34 -10.81
C ALA A 425 -7.31 -38.83 -9.74
N GLY A 426 -7.70 -38.68 -8.48
CA GLY A 426 -6.86 -39.11 -7.39
C GLY A 426 -5.69 -38.17 -7.15
N GLY A 427 -5.97 -36.88 -7.23
CA GLY A 427 -4.93 -35.88 -7.01
C GLY A 427 -5.35 -34.52 -7.54
N LEU A 428 -4.67 -33.49 -7.05
CA LEU A 428 -4.95 -32.12 -7.47
C LEU A 428 -4.16 -31.75 -8.71
N PHE A 429 -3.03 -32.43 -8.91
CA PHE A 429 -2.16 -32.17 -10.04
C PHE A 429 -2.10 -33.31 -11.05
N VAL A 430 -2.81 -34.40 -10.78
CA VAL A 430 -2.85 -35.58 -11.63
C VAL A 430 -2.57 -35.35 -13.12
N ASN A 431 -3.13 -34.29 -13.68
CA ASN A 431 -2.91 -33.99 -15.09
C ASN A 431 -2.47 -32.54 -15.33
N SER A 432 -1.60 -32.05 -14.47
CA SER A 432 -1.08 -30.70 -14.58
C SER A 432 0.38 -30.79 -15.00
N PRO A 433 0.89 -29.76 -15.69
CA PRO A 433 2.28 -29.78 -16.13
C PRO A 433 3.27 -29.85 -14.98
N GLU A 434 4.44 -30.42 -15.22
CA GLU A 434 5.46 -30.54 -14.19
C GLU A 434 6.15 -29.21 -13.99
N GLU A 435 6.01 -28.32 -14.97
CA GLU A 435 6.62 -27.01 -14.89
C GLU A 435 5.68 -25.97 -15.51
N PRO A 436 4.59 -25.64 -14.81
CA PRO A 436 3.61 -24.66 -15.31
C PRO A 436 4.27 -23.37 -15.77
N SER A 437 3.58 -22.63 -16.64
CA SER A 437 4.11 -21.37 -17.14
C SER A 437 4.20 -20.39 -15.97
N LEU A 438 4.31 -19.10 -16.26
CA LEU A 438 4.40 -18.09 -15.21
C LEU A 438 3.20 -17.15 -15.23
N SER A 439 2.30 -17.34 -14.28
CA SER A 439 1.09 -16.52 -14.18
C SER A 439 1.39 -15.04 -14.32
N ARG A 440 0.61 -14.37 -15.15
CA ARG A 440 0.77 -12.94 -15.38
C ARG A 440 0.51 -12.15 -14.09
N MET A 441 0.13 -12.85 -13.03
CA MET A 441 -0.16 -12.20 -11.76
C MET A 441 1.05 -12.11 -10.84
N VAL A 442 1.89 -13.14 -10.86
CA VAL A 442 3.07 -13.18 -10.01
C VAL A 442 4.36 -13.35 -10.80
N THR A 443 5.45 -12.82 -10.26
CA THR A 443 6.75 -12.95 -10.90
C THR A 443 7.41 -14.21 -10.37
N GLU A 444 8.57 -14.54 -10.91
CA GLU A 444 9.29 -15.72 -10.46
C GLU A 444 9.63 -15.54 -8.99
N GLU A 445 10.06 -14.34 -8.63
CA GLU A 445 10.41 -14.02 -7.26
C GLU A 445 9.25 -14.17 -6.29
N GLU A 446 8.19 -13.39 -6.53
CA GLU A 446 7.01 -13.44 -5.66
C GLU A 446 6.65 -14.88 -5.30
N ILE A 447 6.74 -15.77 -6.28
CA ILE A 447 6.43 -17.19 -6.08
C ILE A 447 7.38 -17.84 -5.09
N GLN A 448 8.68 -17.64 -5.29
CA GLN A 448 9.67 -18.23 -4.42
C GLN A 448 9.50 -17.78 -2.97
N PHE A 449 8.88 -16.62 -2.77
CA PHE A 449 8.67 -16.14 -1.41
C PHE A 449 7.72 -17.11 -0.72
N TYR A 450 6.67 -17.50 -1.43
CA TYR A 450 5.70 -18.44 -0.87
C TYR A 450 6.40 -19.76 -0.63
N VAL A 451 7.25 -20.17 -1.59
CA VAL A 451 7.97 -21.42 -1.46
C VAL A 451 8.79 -21.49 -0.17
N GLN A 452 9.55 -20.43 0.12
CA GLN A 452 10.37 -20.41 1.32
C GLN A 452 9.54 -20.38 2.60
N GLN A 453 8.36 -19.77 2.55
CA GLN A 453 7.50 -19.70 3.73
C GLN A 453 6.99 -21.09 4.08
N PHE A 454 6.29 -21.70 3.13
CA PHE A 454 5.75 -23.03 3.34
C PHE A 454 6.82 -24.10 3.55
N LYS A 455 8.08 -23.73 3.40
CA LYS A 455 9.17 -24.68 3.62
C LYS A 455 9.32 -24.91 5.11
N LYS A 456 8.85 -23.95 5.90
CA LYS A 456 8.95 -24.05 7.34
C LYS A 456 7.97 -25.04 7.95
N SER A 457 6.70 -24.67 8.02
CA SER A 457 5.67 -25.53 8.61
C SER A 457 4.95 -26.46 7.63
N GLY A 458 5.14 -26.24 6.33
CA GLY A 458 4.49 -27.10 5.33
C GLY A 458 3.01 -26.86 5.16
N PHE A 459 2.31 -27.83 4.58
CA PHE A 459 0.88 -27.72 4.34
C PHE A 459 -0.02 -28.40 5.37
N ARG A 460 0.56 -28.96 6.42
CA ARG A 460 -0.27 -29.63 7.42
C ARG A 460 -1.21 -28.65 8.12
N GLY A 461 -0.65 -27.65 8.78
CA GLY A 461 -1.46 -26.67 9.49
C GLY A 461 -2.57 -26.08 8.64
N PRO A 462 -2.24 -25.55 7.44
CA PRO A 462 -3.24 -24.96 6.55
C PRO A 462 -4.37 -25.95 6.25
N LEU A 463 -4.00 -27.13 5.76
CA LEU A 463 -4.96 -28.17 5.42
C LEU A 463 -5.92 -28.53 6.56
N ASN A 464 -5.49 -28.30 7.80
CA ASN A 464 -6.32 -28.60 8.95
C ASN A 464 -7.56 -27.71 9.01
N TRP A 465 -7.48 -26.52 8.41
CA TRP A 465 -8.60 -25.59 8.41
C TRP A 465 -9.84 -26.24 7.80
N TYR A 466 -9.62 -27.24 6.95
CA TYR A 466 -10.69 -27.96 6.28
C TYR A 466 -11.14 -29.16 7.09
N ARG A 467 -10.28 -29.61 8.01
CA ARG A 467 -10.56 -30.80 8.81
C ARG A 467 -11.30 -30.60 10.13
N ASN A 468 -12.22 -29.65 10.16
CA ASN A 468 -13.01 -29.38 11.36
C ASN A 468 -14.44 -29.01 10.99
N MET A 469 -14.90 -29.51 9.85
CA MET A 469 -16.24 -29.24 9.37
C MET A 469 -17.31 -29.43 10.45
N GLU A 470 -17.42 -30.66 10.95
CA GLU A 470 -18.40 -30.97 11.99
C GLU A 470 -18.39 -30.00 13.16
N ARG A 471 -17.21 -29.74 13.71
CA ARG A 471 -17.09 -28.82 14.83
C ARG A 471 -17.54 -27.41 14.43
N ASN A 472 -16.95 -26.91 13.35
CA ASN A 472 -17.29 -25.58 12.86
C ASN A 472 -18.80 -25.49 12.67
N TRP A 473 -19.38 -26.55 12.11
CA TRP A 473 -20.82 -26.61 11.88
C TRP A 473 -21.61 -26.42 13.18
N LYS A 474 -21.35 -27.29 14.14
CA LYS A 474 -22.01 -27.22 15.44
C LYS A 474 -21.92 -25.83 16.03
N TRP A 475 -20.69 -25.34 16.18
CA TRP A 475 -20.46 -24.02 16.75
C TRP A 475 -21.32 -22.96 16.10
N ALA A 476 -21.34 -22.95 14.76
CA ALA A 476 -22.12 -21.98 14.01
C ALA A 476 -23.62 -22.03 14.29
N CYS A 477 -24.15 -23.24 14.46
CA CYS A 477 -25.58 -23.41 14.73
C CYS A 477 -26.04 -22.57 15.91
N LYS A 478 -25.09 -22.18 16.77
CA LYS A 478 -25.40 -21.38 17.94
C LYS A 478 -25.76 -19.95 17.55
N SER A 479 -25.32 -19.52 16.38
CA SER A 479 -25.56 -18.16 15.92
C SER A 479 -26.70 -18.02 14.92
N LEU A 480 -27.33 -19.13 14.57
CA LEU A 480 -28.42 -19.09 13.59
C LEU A 480 -29.49 -18.06 13.96
N GLY A 481 -29.52 -17.66 15.23
CA GLY A 481 -30.50 -16.68 15.66
C GLY A 481 -30.00 -15.24 15.69
N ARG A 482 -28.74 -15.05 15.32
CA ARG A 482 -28.15 -13.71 15.33
C ARG A 482 -28.20 -13.06 13.96
N LYS A 483 -27.66 -11.85 13.87
CA LYS A 483 -27.63 -11.11 12.61
C LYS A 483 -26.48 -10.10 12.62
N ILE A 484 -25.77 -10.04 11.50
CA ILE A 484 -24.67 -9.10 11.36
C ILE A 484 -25.29 -7.71 11.19
N LEU A 485 -25.17 -6.88 12.23
CA LEU A 485 -25.72 -5.53 12.19
C LEU A 485 -24.66 -4.44 12.24
N ILE A 486 -23.40 -4.83 12.07
CA ILE A 486 -22.30 -3.87 12.08
C ILE A 486 -21.83 -3.64 10.65
N PRO A 487 -21.13 -2.53 10.39
CA PRO A 487 -20.65 -2.23 9.04
C PRO A 487 -20.08 -3.46 8.34
N ALA A 488 -20.71 -3.87 7.24
CA ALA A 488 -20.26 -5.04 6.49
C ALA A 488 -20.17 -4.75 5.00
N LEU A 489 -19.20 -5.38 4.34
CA LEU A 489 -18.98 -5.20 2.92
C LEU A 489 -18.59 -6.53 2.27
N MET A 490 -19.33 -6.91 1.23
CA MET A 490 -19.09 -8.17 0.53
C MET A 490 -18.59 -7.89 -0.89
N VAL A 491 -17.36 -8.31 -1.17
CA VAL A 491 -16.79 -8.11 -2.51
C VAL A 491 -16.79 -9.44 -3.25
N THR A 492 -17.45 -9.47 -4.41
CA THR A 492 -17.53 -10.70 -5.21
C THR A 492 -16.64 -10.69 -6.45
N ALA A 493 -16.11 -11.85 -6.79
CA ALA A 493 -15.24 -11.99 -7.96
C ALA A 493 -15.96 -12.71 -9.09
N GLU A 494 -16.14 -12.02 -10.20
CA GLU A 494 -16.83 -12.56 -11.37
C GLU A 494 -16.32 -13.93 -11.80
N LYS A 495 -15.03 -14.01 -12.11
CA LYS A 495 -14.42 -15.25 -12.59
C LYS A 495 -13.96 -16.22 -11.52
N ASP A 496 -14.53 -16.14 -10.31
CA ASP A 496 -14.14 -17.08 -9.27
C ASP A 496 -15.06 -18.28 -9.45
N PHE A 497 -14.50 -19.41 -9.86
CA PHE A 497 -15.29 -20.60 -10.11
C PHE A 497 -15.41 -21.61 -8.98
N VAL A 498 -14.99 -21.22 -7.78
CA VAL A 498 -15.09 -22.07 -6.61
C VAL A 498 -15.95 -21.33 -5.60
N LEU A 499 -15.85 -20.01 -5.64
CA LEU A 499 -16.64 -19.14 -4.78
C LEU A 499 -17.40 -18.20 -5.71
N VAL A 500 -18.43 -18.73 -6.35
CA VAL A 500 -19.26 -17.98 -7.28
C VAL A 500 -20.04 -16.86 -6.61
N PRO A 501 -20.11 -15.69 -7.25
CA PRO A 501 -20.83 -14.53 -6.72
C PRO A 501 -22.25 -14.84 -6.27
N GLN A 502 -22.92 -15.74 -6.98
CA GLN A 502 -24.30 -16.10 -6.66
C GLN A 502 -24.46 -16.74 -5.28
N MET A 503 -23.37 -17.27 -4.73
CA MET A 503 -23.42 -17.90 -3.41
C MET A 503 -23.70 -16.90 -2.30
N SER A 504 -23.72 -15.62 -2.64
CA SER A 504 -23.96 -14.59 -1.65
C SER A 504 -25.26 -13.83 -1.91
N GLN A 505 -25.96 -14.20 -2.98
CA GLN A 505 -27.20 -13.53 -3.35
C GLN A 505 -28.21 -13.34 -2.22
N HIS A 506 -28.08 -14.13 -1.15
CA HIS A 506 -29.02 -13.99 -0.03
C HIS A 506 -28.47 -13.30 1.20
N MET A 507 -27.15 -13.14 1.25
CA MET A 507 -26.49 -12.49 2.39
C MET A 507 -27.26 -11.37 3.08
N GLU A 508 -27.94 -10.52 2.30
CA GLU A 508 -28.69 -9.41 2.87
C GLU A 508 -29.77 -9.84 3.87
N ASP A 509 -30.20 -11.10 3.79
CA ASP A 509 -31.22 -11.62 4.70
C ASP A 509 -30.68 -11.69 6.12
N TRP A 510 -29.38 -11.96 6.24
CA TRP A 510 -28.73 -12.07 7.55
C TRP A 510 -27.97 -10.79 7.86
N ILE A 511 -27.57 -10.07 6.81
CA ILE A 511 -26.83 -8.83 6.96
C ILE A 511 -27.58 -7.71 6.25
N PRO A 512 -28.71 -7.26 6.83
CA PRO A 512 -29.60 -6.20 6.32
C PRO A 512 -28.95 -5.00 5.65
N HIS A 513 -28.04 -4.35 6.37
CA HIS A 513 -27.38 -3.16 5.85
C HIS A 513 -26.05 -3.47 5.16
N LEU A 514 -25.98 -4.65 4.54
CA LEU A 514 -24.76 -5.05 3.86
C LEU A 514 -24.52 -4.24 2.59
N LYS A 515 -23.29 -3.79 2.41
CA LYS A 515 -22.92 -3.04 1.21
C LYS A 515 -22.19 -4.05 0.34
N ARG A 516 -22.04 -3.75 -0.94
CA ARG A 516 -21.37 -4.70 -1.83
C ARG A 516 -20.33 -4.14 -2.77
N GLY A 517 -19.68 -5.06 -3.46
CA GLY A 517 -18.64 -4.73 -4.43
C GLY A 517 -18.50 -5.91 -5.36
N HIS A 518 -18.07 -5.64 -6.59
CA HIS A 518 -17.91 -6.69 -7.58
C HIS A 518 -16.71 -6.35 -8.46
N ILE A 519 -16.04 -7.36 -8.98
CA ILE A 519 -14.88 -7.13 -9.84
C ILE A 519 -14.95 -7.96 -11.11
N GLU A 520 -15.16 -7.27 -12.23
CA GLU A 520 -15.25 -7.90 -13.54
C GLU A 520 -14.00 -8.73 -13.80
N ASP A 521 -14.13 -9.75 -14.64
CA ASP A 521 -13.03 -10.63 -15.01
C ASP A 521 -11.98 -10.74 -13.91
N CYS A 522 -12.39 -11.24 -12.75
CA CYS A 522 -11.48 -11.38 -11.62
C CYS A 522 -11.46 -12.83 -11.12
N GLY A 523 -10.27 -13.41 -11.01
CA GLY A 523 -10.16 -14.78 -10.56
C GLY A 523 -10.39 -14.97 -9.07
N HIS A 524 -9.95 -16.10 -8.55
CA HIS A 524 -10.10 -16.42 -7.13
C HIS A 524 -9.11 -15.65 -6.27
N TRP A 525 -7.89 -15.49 -6.79
CA TRP A 525 -6.84 -14.77 -6.06
C TRP A 525 -7.00 -13.28 -6.35
N THR A 526 -8.04 -12.70 -5.75
CA THR A 526 -8.38 -11.30 -5.94
C THR A 526 -7.26 -10.27 -5.80
N GLN A 527 -6.62 -10.22 -4.64
CA GLN A 527 -5.55 -9.26 -4.40
C GLN A 527 -4.50 -9.23 -5.51
N MET A 528 -4.10 -10.40 -5.99
CA MET A 528 -3.10 -10.50 -7.05
C MET A 528 -3.66 -10.12 -8.42
N ASP A 529 -4.82 -10.65 -8.73
CA ASP A 529 -5.47 -10.43 -10.01
C ASP A 529 -5.89 -8.98 -10.28
N LYS A 530 -6.67 -8.40 -9.36
CA LYS A 530 -7.18 -7.05 -9.51
C LYS A 530 -6.88 -6.15 -8.30
N PRO A 531 -5.59 -5.96 -8.00
CA PRO A 531 -5.16 -5.13 -6.86
C PRO A 531 -5.69 -3.70 -6.85
N THR A 532 -5.73 -3.07 -8.01
CA THR A 532 -6.20 -1.69 -8.10
C THR A 532 -7.68 -1.55 -7.73
N GLU A 533 -8.52 -2.40 -8.29
CA GLU A 533 -9.95 -2.36 -8.00
C GLU A 533 -10.16 -2.59 -6.52
N VAL A 534 -9.49 -3.60 -5.98
CA VAL A 534 -9.61 -3.96 -4.57
C VAL A 534 -9.31 -2.80 -3.63
N ASN A 535 -8.19 -2.12 -3.84
CA ASN A 535 -7.82 -0.99 -2.99
C ASN A 535 -8.92 0.05 -3.07
N GLN A 536 -9.24 0.44 -4.29
CA GLN A 536 -10.28 1.44 -4.55
C GLN A 536 -11.55 1.09 -3.77
N ILE A 537 -11.98 -0.16 -3.89
CA ILE A 537 -13.19 -0.64 -3.22
C ILE A 537 -13.08 -0.60 -1.69
N LEU A 538 -12.02 -1.17 -1.15
CA LEU A 538 -11.83 -1.18 0.30
C LEU A 538 -11.67 0.21 0.91
N ILE A 539 -10.79 1.02 0.32
CA ILE A 539 -10.56 2.37 0.83
C ILE A 539 -11.86 3.17 0.83
N LYS A 540 -12.64 2.99 -0.22
CA LYS A 540 -13.92 3.66 -0.34
C LYS A 540 -14.76 3.28 0.87
N TRP A 541 -14.94 1.97 1.05
CA TRP A 541 -15.72 1.42 2.15
C TRP A 541 -15.17 1.81 3.53
N LEU A 542 -13.86 1.83 3.65
CA LEU A 542 -13.22 2.18 4.92
C LEU A 542 -13.53 3.60 5.40
N ASP A 543 -13.47 4.56 4.49
CA ASP A 543 -13.73 5.95 4.84
C ASP A 543 -15.21 6.21 5.15
N SER A 544 -16.09 5.53 4.44
CA SER A 544 -17.52 5.72 4.65
C SER A 544 -18.13 4.98 5.83
N ASP A 545 -17.67 3.76 6.11
CA ASP A 545 -18.24 3.00 7.22
C ASP A 545 -17.32 2.67 8.39
N ALA A 546 -16.01 2.81 8.22
CA ALA A 546 -15.07 2.49 9.29
C ALA A 546 -14.57 3.68 10.10
N ARG A 547 -13.84 4.59 9.45
CA ARG A 547 -13.30 5.76 10.14
C ARG A 547 -14.33 6.42 11.03
N ASN A 548 -15.53 6.63 10.49
CA ASN A 548 -16.62 7.24 11.23
C ASN A 548 -16.16 8.43 12.07
MG MG B . 11.93 24.06 -7.62
P PO4 C . 13.24 23.45 -4.37
O1 PO4 C . 12.84 24.63 -5.19
O2 PO4 C . 14.60 23.01 -4.78
O3 PO4 C . 12.27 22.35 -4.59
O4 PO4 C . 13.25 23.83 -2.94
C1 NC6 D . -12.66 -22.45 1.11
N2 NC6 D . -11.48 -21.98 0.36
C3 NC6 D . -10.81 -22.77 -0.57
N4 NC6 D . -9.89 -22.10 -1.35
C5 NC6 D . -9.11 -22.76 -2.40
C6 NC6 D . -9.58 -22.21 -3.76
C7 NC6 D . -8.84 -22.83 -4.95
C8 NC6 D . -9.35 -22.24 -6.27
C9 NC6 D . -8.64 -22.83 -7.50
O10 NC6 D . -11.04 -23.95 -0.69
C11 NC6 D . -9.14 -22.27 -8.83
O12 NC6 D . -8.48 -22.82 -9.87
O13 NC6 D . -10.01 -21.42 -8.99
C14 NC6 D . -12.89 -21.54 2.35
C15 NC6 D . -14.14 -21.98 3.16
C16 NC6 D . -15.42 -22.04 2.27
C17 NC6 D . -15.19 -22.88 0.99
C18 NC6 D . -13.94 -22.42 0.21
#